data_2D6C
#
_entry.id   2D6C
#
_cell.length_a   42.533
_cell.length_b   79.902
_cell.length_c   54.619
_cell.angle_alpha   90.00
_cell.angle_beta   110.88
_cell.angle_gamma   90.00
#
_symmetry.space_group_name_H-M   'P 1 21 1'
#
loop_
_entity.id
_entity.type
_entity.pdbx_description
1 polymer Myoglobin
2 non-polymer 'PORPHYCENE CONTAINING FE'
3 non-polymer IMIDAZOLE
4 water water
#
_entity_poly.entity_id   1
_entity_poly.type   'polypeptide(L)'
_entity_poly.pdbx_seq_one_letter_code
;VLSEGEWQLVLHVWAKVEADVAGHGQDILIRLFKSHPETLEKFDRFKHLKTEAEMKASEDLKKHGVTVLTALGAILKKKG
HHEAELKPLAQSHATKHKIPIKYLEFISEAIIHVLHSRHPGDFGADAQGAMNKALELFRKDIAAKYKELGYQG
;
_entity_poly.pdbx_strand_id   A,B
#
loop_
_chem_comp.id
_chem_comp.type
_chem_comp.name
_chem_comp.formula
HME non-polymer 'PORPHYCENE CONTAINING FE' 'C34 H36 Fe N4 O4 2'
IMD non-polymer IMIDAZOLE 'C3 H5 N2 1'
#
# COMPACT_ATOMS: atom_id res chain seq x y z
N VAL A 1 -8.05 1.00 19.60
CA VAL A 1 -6.93 1.54 20.44
C VAL A 1 -5.58 1.00 20.01
N LEU A 2 -4.53 1.62 20.53
CA LEU A 2 -3.16 1.20 20.24
C LEU A 2 -2.57 0.73 21.56
N SER A 3 -1.60 -0.19 21.48
CA SER A 3 -0.94 -0.70 22.67
C SER A 3 0.31 0.13 22.94
N GLU A 4 0.93 -0.11 24.10
CA GLU A 4 2.14 0.63 24.45
C GLU A 4 3.21 0.31 23.42
N GLY A 5 3.16 -0.90 22.88
CA GLY A 5 4.13 -1.31 21.88
C GLY A 5 3.89 -0.55 20.59
N GLU A 6 2.63 -0.50 20.17
CA GLU A 6 2.27 0.22 18.95
C GLU A 6 2.63 1.69 19.08
N TRP A 7 2.36 2.26 20.25
CA TRP A 7 2.69 3.66 20.51
C TRP A 7 4.20 3.87 20.48
N GLN A 8 4.94 2.84 20.90
CA GLN A 8 6.40 2.90 20.91
C GLN A 8 6.89 2.99 19.47
N LEU A 9 6.28 2.20 18.60
CA LEU A 9 6.64 2.19 17.18
C LEU A 9 6.41 3.56 16.54
N VAL A 10 5.23 4.12 16.73
CA VAL A 10 4.87 5.41 16.16
C VAL A 10 5.77 6.56 16.65
N LEU A 11 6.05 6.59 17.95
CA LEU A 11 6.88 7.65 18.49
C LEU A 11 8.34 7.49 18.10
N HIS A 12 8.77 6.25 17.87
CA HIS A 12 10.15 5.99 17.48
C HIS A 12 10.38 6.51 16.06
N VAL A 13 9.37 6.33 15.22
CA VAL A 13 9.44 6.78 13.84
C VAL A 13 9.43 8.31 13.79
N TRP A 14 8.44 8.91 14.45
CA TRP A 14 8.31 10.35 14.46
C TRP A 14 9.56 11.08 14.97
N ALA A 15 10.28 10.45 15.89
CA ALA A 15 11.50 11.04 16.42
C ALA A 15 12.47 11.32 15.29
N LYS A 16 12.46 10.44 14.29
CA LYS A 16 13.33 10.60 13.13
C LYS A 16 12.82 11.70 12.24
N VAL A 17 11.49 11.81 12.17
CA VAL A 17 10.85 12.83 11.35
C VAL A 17 11.20 14.22 11.89
N GLU A 18 11.04 14.40 13.20
CA GLU A 18 11.34 15.67 13.83
C GLU A 18 12.83 15.98 13.79
N ALA A 19 13.63 14.99 13.44
CA ALA A 19 15.08 15.19 13.34
C ALA A 19 15.33 16.02 12.08
N ASP A 20 14.29 16.10 11.25
CA ASP A 20 14.34 16.86 10.00
C ASP A 20 12.91 17.17 9.55
N VAL A 21 12.18 17.89 10.39
CA VAL A 21 10.80 18.25 10.09
C VAL A 21 10.65 19.02 8.79
N ALA A 22 11.46 20.06 8.62
CA ALA A 22 11.39 20.88 7.41
C ALA A 22 11.45 20.02 6.16
N GLY A 23 12.39 19.07 6.15
CA GLY A 23 12.54 18.19 5.00
C GLY A 23 11.36 17.25 4.87
N HIS A 24 10.97 16.64 5.98
CA HIS A 24 9.84 15.71 5.98
C HIS A 24 8.55 16.46 5.63
N GLY A 25 8.49 17.72 6.03
CA GLY A 25 7.31 18.53 5.76
C GLY A 25 7.15 18.81 4.28
N GLN A 26 8.26 19.13 3.61
CA GLN A 26 8.20 19.41 2.18
C GLN A 26 7.75 18.18 1.40
N ASP A 27 8.42 17.06 1.63
CA ASP A 27 8.07 15.81 0.95
C ASP A 27 6.61 15.47 1.13
N ILE A 28 6.14 15.54 2.37
CA ILE A 28 4.75 15.21 2.68
C ILE A 28 3.74 16.18 2.08
N LEU A 29 3.99 17.48 2.18
CA LEU A 29 3.06 18.44 1.60
C LEU A 29 3.10 18.37 0.08
N ILE A 30 4.30 18.30 -0.48
CA ILE A 30 4.44 18.21 -1.93
C ILE A 30 3.79 16.92 -2.42
N ARG A 31 3.93 15.86 -1.63
CA ARG A 31 3.34 14.57 -1.96
C ARG A 31 1.83 14.68 -1.89
N LEU A 32 1.33 15.44 -0.92
CA LEU A 32 -0.10 15.64 -0.74
C LEU A 32 -0.70 16.46 -1.88
N PHE A 33 -0.03 17.54 -2.26
CA PHE A 33 -0.51 18.40 -3.33
C PHE A 33 -0.49 17.73 -4.70
N LYS A 34 0.55 16.94 -4.96
CA LYS A 34 0.66 16.24 -6.24
C LYS A 34 -0.45 15.21 -6.38
N SER A 35 -0.62 14.39 -5.35
CA SER A 35 -1.63 13.35 -5.35
C SER A 35 -3.06 13.89 -5.37
N HIS A 36 -3.28 14.99 -4.65
CA HIS A 36 -4.61 15.61 -4.59
C HIS A 36 -4.51 17.13 -4.70
N PRO A 37 -4.27 17.64 -5.90
CA PRO A 37 -4.15 19.08 -6.15
C PRO A 37 -5.22 19.97 -5.50
N GLU A 38 -6.43 19.43 -5.33
CA GLU A 38 -7.51 20.21 -4.73
C GLU A 38 -7.14 20.80 -3.37
N THR A 39 -6.43 20.03 -2.55
CA THR A 39 -6.04 20.49 -1.22
C THR A 39 -5.08 21.68 -1.30
N LEU A 40 -4.38 21.80 -2.42
CA LEU A 40 -3.44 22.88 -2.64
C LEU A 40 -4.16 24.23 -2.53
N GLU A 41 -5.37 24.27 -3.09
CA GLU A 41 -6.21 25.46 -3.09
C GLU A 41 -6.34 26.08 -1.70
N LYS A 42 -6.47 25.22 -0.69
CA LYS A 42 -6.64 25.65 0.69
C LYS A 42 -5.54 26.55 1.31
N PHE A 43 -4.52 26.86 0.51
CA PHE A 43 -3.44 27.73 0.97
C PHE A 43 -3.42 28.90 0.00
N ASP A 44 -3.51 30.08 0.58
CA ASP A 44 -3.60 31.27 -0.23
C ASP A 44 -2.25 31.70 -0.78
N ARG A 45 -1.19 31.37 -0.06
CA ARG A 45 0.14 31.74 -0.51
C ARG A 45 0.47 30.86 -1.70
N PHE A 46 -0.40 29.90 -2.00
CA PHE A 46 -0.15 29.00 -3.12
C PHE A 46 -1.22 29.04 -4.21
N LYS A 47 -1.39 30.20 -4.83
CA LYS A 47 -2.34 30.33 -5.94
C LYS A 47 -1.45 30.41 -7.19
N HIS A 48 -0.19 30.02 -7.01
CA HIS A 48 0.78 30.05 -8.12
C HIS A 48 1.80 28.90 -8.18
N LEU A 49 2.10 28.27 -7.04
CA LEU A 49 3.04 27.15 -7.04
C LEU A 49 2.52 26.03 -7.93
N LYS A 50 3.14 25.86 -9.10
CA LYS A 50 2.72 24.83 -10.06
C LYS A 50 3.66 23.61 -10.11
N THR A 51 4.89 23.84 -10.53
CA THR A 51 5.86 22.75 -10.62
C THR A 51 6.24 22.24 -9.24
N GLU A 52 7.00 21.14 -9.21
CA GLU A 52 7.44 20.56 -7.95
C GLU A 52 8.58 21.43 -7.44
N ALA A 53 9.42 21.87 -8.37
CA ALA A 53 10.56 22.72 -8.04
C ALA A 53 10.08 23.99 -7.36
N GLU A 54 8.96 24.53 -7.82
CA GLU A 54 8.40 25.74 -7.23
C GLU A 54 8.01 25.44 -5.78
N MET A 55 7.43 24.26 -5.55
CA MET A 55 7.04 23.86 -4.21
C MET A 55 8.26 23.66 -3.34
N LYS A 56 9.34 23.16 -3.94
CA LYS A 56 10.58 22.92 -3.24
C LYS A 56 11.25 24.21 -2.76
N ALA A 57 11.01 25.29 -3.50
CA ALA A 57 11.61 26.58 -3.17
C ALA A 57 10.72 27.47 -2.31
N SER A 58 9.42 27.23 -2.34
CA SER A 58 8.49 28.03 -1.54
C SER A 58 8.82 28.01 -0.06
N GLU A 59 9.21 29.17 0.46
CA GLU A 59 9.55 29.29 1.87
C GLU A 59 8.30 28.97 2.69
N ASP A 60 7.16 29.49 2.24
CA ASP A 60 5.88 29.24 2.91
C ASP A 60 5.62 27.75 3.01
N LEU A 61 5.65 27.08 1.87
CA LEU A 61 5.42 25.64 1.79
C LEU A 61 6.20 24.95 2.89
N LYS A 62 7.44 25.38 3.10
CA LYS A 62 8.29 24.77 4.12
C LYS A 62 7.83 25.08 5.53
N LYS A 63 7.47 26.34 5.79
CA LYS A 63 6.99 26.74 7.11
C LYS A 63 5.74 25.95 7.47
N HIS A 64 4.88 25.73 6.49
CA HIS A 64 3.65 24.99 6.70
C HIS A 64 3.91 23.52 6.98
N GLY A 65 4.96 22.99 6.37
CA GLY A 65 5.29 21.59 6.59
C GLY A 65 5.69 21.37 8.04
N VAL A 66 6.35 22.37 8.60
CA VAL A 66 6.81 22.32 9.99
C VAL A 66 5.62 22.43 10.95
N THR A 67 4.63 23.24 10.59
CA THR A 67 3.47 23.42 11.44
C THR A 67 2.69 22.12 11.63
N VAL A 68 2.43 21.41 10.54
CA VAL A 68 1.69 20.15 10.60
C VAL A 68 2.36 19.08 11.44
N LEU A 69 3.57 18.69 11.04
CA LEU A 69 4.31 17.65 11.74
C LEU A 69 4.51 18.04 13.21
N THR A 70 4.85 19.29 13.45
CA THR A 70 5.04 19.78 14.81
C THR A 70 3.80 19.47 15.64
N ALA A 71 2.65 19.92 15.14
CA ALA A 71 1.39 19.71 15.82
C ALA A 71 1.02 18.23 15.88
N LEU A 72 1.14 17.54 14.75
CA LEU A 72 0.80 16.13 14.70
C LEU A 72 1.68 15.34 15.67
N GLY A 73 2.97 15.63 15.67
CA GLY A 73 3.88 14.96 16.57
C GLY A 73 3.45 15.18 18.01
N ALA A 74 2.98 16.39 18.30
CA ALA A 74 2.52 16.73 19.65
C ALA A 74 1.32 15.87 20.02
N ILE A 75 0.42 15.69 19.06
CA ILE A 75 -0.79 14.89 19.26
C ILE A 75 -0.46 13.40 19.44
N LEU A 76 0.48 12.90 18.65
CA LEU A 76 0.87 11.49 18.72
C LEU A 76 1.55 11.17 20.05
N LYS A 77 2.32 12.11 20.56
CA LYS A 77 3.03 11.93 21.82
C LYS A 77 2.07 11.81 22.99
N LYS A 78 0.81 12.21 22.78
CA LYS A 78 -0.20 12.13 23.83
C LYS A 78 -0.72 10.70 23.92
N LYS A 79 -0.34 9.90 22.93
CA LYS A 79 -0.73 8.51 22.88
C LYS A 79 -2.22 8.25 23.12
N GLY A 80 -3.07 9.07 22.54
CA GLY A 80 -4.50 8.86 22.70
C GLY A 80 -5.23 9.87 23.57
N HIS A 81 -4.53 10.42 24.52
CA HIS A 81 -5.12 11.39 25.41
C HIS A 81 -4.84 12.78 24.84
N HIS A 82 -5.52 13.11 23.75
CA HIS A 82 -5.34 14.36 23.02
C HIS A 82 -6.63 15.16 22.78
N GLU A 83 -7.72 14.75 23.41
CA GLU A 83 -9.00 15.42 23.22
C GLU A 83 -8.93 16.95 23.30
N ALA A 84 -8.36 17.45 24.39
CA ALA A 84 -8.23 18.88 24.60
C ALA A 84 -7.40 19.54 23.50
N GLU A 85 -6.41 18.82 22.98
CA GLU A 85 -5.56 19.36 21.92
C GLU A 85 -6.33 19.52 20.62
N LEU A 86 -7.21 18.57 20.34
CA LEU A 86 -7.99 18.58 19.11
C LEU A 86 -9.07 19.65 19.06
N LYS A 87 -9.52 20.10 20.23
CA LYS A 87 -10.56 21.13 20.28
C LYS A 87 -10.23 22.35 19.43
N PRO A 88 -9.11 23.04 19.72
CA PRO A 88 -8.76 24.21 18.92
C PRO A 88 -8.51 23.85 17.46
N LEU A 89 -7.90 22.69 17.26
CA LEU A 89 -7.58 22.19 15.93
C LEU A 89 -8.84 22.10 15.07
N ALA A 90 -9.81 21.33 15.55
CA ALA A 90 -11.06 21.15 14.83
C ALA A 90 -11.76 22.49 14.65
N GLN A 91 -11.61 23.35 15.65
CA GLN A 91 -12.21 24.68 15.63
C GLN A 91 -11.75 25.49 14.42
N SER A 92 -10.43 25.61 14.26
CA SER A 92 -9.86 26.38 13.16
C SER A 92 -10.00 25.76 11.77
N HIS A 93 -9.77 24.45 11.67
CA HIS A 93 -9.86 23.77 10.39
C HIS A 93 -11.28 23.57 9.89
N ALA A 94 -12.20 23.39 10.83
CA ALA A 94 -13.59 23.19 10.47
C ALA A 94 -14.24 24.49 10.06
N THR A 95 -14.20 25.48 10.96
CA THR A 95 -14.83 26.77 10.70
C THR A 95 -14.03 27.78 9.89
N LYS A 96 -12.81 28.09 10.33
CA LYS A 96 -11.98 29.07 9.66
C LYS A 96 -11.41 28.71 8.29
N HIS A 97 -11.18 27.43 8.04
CA HIS A 97 -10.63 27.01 6.75
C HIS A 97 -11.50 26.00 6.03
N LYS A 98 -12.47 25.44 6.75
CA LYS A 98 -13.39 24.47 6.17
C LYS A 98 -12.70 23.29 5.46
N ILE A 99 -11.82 22.61 6.17
N ILE A 99 -11.82 22.61 6.17
CA ILE A 99 -11.11 21.45 5.61
CA ILE A 99 -11.10 21.46 5.62
C ILE A 99 -11.90 20.17 5.87
C ILE A 99 -11.90 20.17 5.88
N PRO A 100 -12.31 19.46 4.82
CA PRO A 100 -13.07 18.23 4.94
C PRO A 100 -12.22 17.15 5.57
N ILE A 101 -12.85 16.25 6.33
CA ILE A 101 -12.12 15.17 6.96
C ILE A 101 -11.40 14.33 5.90
N LYS A 102 -11.93 14.32 4.69
CA LYS A 102 -11.34 13.56 3.59
C LYS A 102 -9.90 14.00 3.35
N TYR A 103 -9.63 15.29 3.58
CA TYR A 103 -8.30 15.84 3.40
C TYR A 103 -7.36 15.24 4.43
N LEU A 104 -7.85 15.06 5.66
CA LEU A 104 -7.05 14.48 6.73
C LEU A 104 -6.61 13.10 6.26
N GLU A 105 -7.52 12.39 5.59
CA GLU A 105 -7.21 11.06 5.07
C GLU A 105 -6.10 11.18 4.03
N PHE A 106 -6.23 12.15 3.13
CA PHE A 106 -5.23 12.36 2.09
C PHE A 106 -3.84 12.59 2.66
N ILE A 107 -3.74 13.47 3.65
CA ILE A 107 -2.45 13.77 4.25
C ILE A 107 -1.90 12.55 4.99
N SER A 108 -2.78 11.67 5.45
CA SER A 108 -2.36 10.46 6.14
C SER A 108 -1.71 9.53 5.12
N GLU A 109 -2.28 9.50 3.92
CA GLU A 109 -1.78 8.65 2.85
C GLU A 109 -0.38 9.15 2.49
N ALA A 110 -0.24 10.46 2.41
CA ALA A 110 1.03 11.10 2.08
C ALA A 110 2.07 10.86 3.18
N ILE A 111 1.63 10.86 4.43
CA ILE A 111 2.53 10.64 5.57
C ILE A 111 3.05 9.20 5.57
N ILE A 112 2.16 8.25 5.36
CA ILE A 112 2.56 6.84 5.33
C ILE A 112 3.54 6.63 4.19
N HIS A 113 3.15 7.09 3.00
CA HIS A 113 3.97 6.96 1.80
C HIS A 113 5.37 7.53 1.96
N VAL A 114 5.47 8.72 2.56
CA VAL A 114 6.74 9.38 2.76
C VAL A 114 7.62 8.69 3.82
N LEU A 115 6.99 8.23 4.90
CA LEU A 115 7.74 7.57 5.96
C LEU A 115 8.27 6.23 5.47
N HIS A 116 7.47 5.55 4.66
CA HIS A 116 7.86 4.26 4.12
C HIS A 116 9.06 4.38 3.19
N SER A 117 9.08 5.45 2.38
CA SER A 117 10.17 5.67 1.43
C SER A 117 11.41 6.24 2.11
N ARG A 118 11.18 6.83 3.27
CA ARG A 118 12.26 7.47 3.99
C ARG A 118 12.86 6.69 5.15
N HIS A 119 12.03 5.98 5.91
CA HIS A 119 12.54 5.24 7.08
C HIS A 119 12.26 3.75 7.01
N PRO A 120 12.94 3.10 6.09
CA PRO A 120 12.81 1.68 5.82
C PRO A 120 12.77 0.70 7.00
N GLY A 121 13.90 0.64 7.69
CA GLY A 121 14.05 -0.24 8.83
C GLY A 121 13.49 0.39 10.09
N ASP A 122 12.92 1.58 9.91
CA ASP A 122 12.35 2.32 11.03
C ASP A 122 10.83 2.37 10.88
N PHE A 123 10.35 2.02 9.69
CA PHE A 123 8.93 2.02 9.38
C PHE A 123 8.58 0.69 8.72
N GLY A 124 8.70 -0.39 9.47
CA GLY A 124 8.40 -1.70 8.94
C GLY A 124 6.89 -1.93 8.89
N ALA A 125 6.50 -3.08 8.38
CA ALA A 125 5.08 -3.42 8.27
C ALA A 125 4.36 -3.24 9.61
N ASP A 126 5.03 -3.56 10.70
CA ASP A 126 4.44 -3.42 12.02
C ASP A 126 4.31 -1.95 12.38
N ALA A 127 5.37 -1.19 12.11
CA ALA A 127 5.39 0.24 12.38
C ALA A 127 4.32 0.95 11.56
N GLN A 128 4.25 0.64 10.26
CA GLN A 128 3.27 1.26 9.40
C GLN A 128 1.88 0.88 9.86
N GLY A 129 1.78 -0.29 10.49
CA GLY A 129 0.50 -0.75 10.99
C GLY A 129 0.07 0.08 12.17
N ALA A 130 1.03 0.41 13.04
CA ALA A 130 0.76 1.21 14.23
C ALA A 130 0.46 2.67 13.88
N MET A 131 1.17 3.21 12.89
CA MET A 131 0.97 4.60 12.46
C MET A 131 -0.41 4.74 11.83
N ASN A 132 -0.84 3.72 11.10
CA ASN A 132 -2.15 3.75 10.47
C ASN A 132 -3.22 3.85 11.55
N LYS A 133 -3.02 3.13 12.65
CA LYS A 133 -3.95 3.15 13.77
C LYS A 133 -3.96 4.52 14.44
N ALA A 134 -2.77 5.06 14.67
CA ALA A 134 -2.62 6.37 15.31
C ALA A 134 -3.34 7.45 14.50
N LEU A 135 -3.02 7.56 13.21
CA LEU A 135 -3.63 8.57 12.36
C LEU A 135 -5.14 8.35 12.23
N GLU A 136 -5.57 7.10 12.32
CA GLU A 136 -6.99 6.79 12.20
C GLU A 136 -7.71 7.31 13.44
N LEU A 137 -7.18 6.98 14.62
CA LEU A 137 -7.77 7.43 15.87
C LEU A 137 -7.85 8.96 15.80
N PHE A 138 -6.79 9.55 15.28
CA PHE A 138 -6.70 11.00 15.13
C PHE A 138 -7.88 11.56 14.34
N ARG A 139 -8.09 11.00 13.14
CA ARG A 139 -9.16 11.46 12.28
C ARG A 139 -10.54 11.31 12.90
N LYS A 140 -10.83 10.15 13.50
CA LYS A 140 -12.12 9.92 14.10
C LYS A 140 -12.36 10.79 15.32
N ASP A 141 -11.30 11.08 16.07
CA ASP A 141 -11.45 11.94 17.24
C ASP A 141 -11.67 13.38 16.78
N ILE A 142 -11.21 13.69 15.57
CA ILE A 142 -11.38 15.02 15.00
C ILE A 142 -12.81 15.20 14.48
N ALA A 143 -13.26 14.23 13.68
CA ALA A 143 -14.60 14.28 13.12
C ALA A 143 -15.61 14.40 14.25
N ALA A 144 -15.31 13.76 15.37
CA ALA A 144 -16.19 13.82 16.53
C ALA A 144 -16.34 15.28 16.94
N LYS A 145 -15.22 16.00 16.95
CA LYS A 145 -15.21 17.41 17.30
C LYS A 145 -15.85 18.21 16.17
N TYR A 146 -15.75 17.68 14.94
CA TYR A 146 -16.33 18.34 13.79
C TYR A 146 -17.85 18.43 13.95
N LYS A 147 -18.49 17.30 14.20
CA LYS A 147 -19.94 17.28 14.37
C LYS A 147 -20.38 18.05 15.62
N GLU A 148 -19.51 18.11 16.63
CA GLU A 148 -19.84 18.84 17.84
C GLU A 148 -20.03 20.30 17.48
N LEU A 149 -19.10 20.85 16.71
CA LEU A 149 -19.20 22.22 16.26
C LEU A 149 -20.28 22.24 15.19
N GLY A 150 -20.87 21.06 14.98
CA GLY A 150 -21.92 20.93 13.99
C GLY A 150 -21.40 21.06 12.58
N TYR A 151 -20.10 20.80 12.40
CA TYR A 151 -19.50 20.90 11.08
C TYR A 151 -20.14 19.93 10.12
N GLN A 152 -21.00 20.46 9.27
CA GLN A 152 -21.65 19.66 8.27
C GLN A 152 -21.52 20.31 6.90
N GLY A 153 -20.71 19.68 6.08
CA GLY A 153 -20.49 20.17 4.73
C GLY A 153 -21.53 19.65 3.76
N VAL B 1 -11.64 -21.42 3.02
CA VAL B 1 -10.78 -22.31 3.80
C VAL B 1 -10.47 -23.56 2.97
N LEU B 2 -9.60 -24.43 3.49
CA LEU B 2 -9.21 -25.63 2.78
C LEU B 2 -8.91 -26.83 3.67
N SER B 3 -9.02 -28.01 3.08
CA SER B 3 -8.75 -29.26 3.76
C SER B 3 -7.29 -29.61 3.52
N GLU B 4 -6.80 -30.62 4.24
CA GLU B 4 -5.42 -31.08 4.08
C GLU B 4 -5.30 -31.63 2.66
N GLY B 5 -6.34 -32.32 2.21
CA GLY B 5 -6.34 -32.90 0.87
C GLY B 5 -6.26 -31.86 -0.23
N GLU B 6 -7.10 -30.83 -0.13
CA GLU B 6 -7.10 -29.76 -1.12
C GLU B 6 -5.74 -29.06 -1.05
N TRP B 7 -5.14 -29.08 0.13
CA TRP B 7 -3.83 -28.46 0.37
C TRP B 7 -2.71 -29.36 -0.17
N GLN B 8 -3.00 -30.65 -0.32
CA GLN B 8 -2.02 -31.58 -0.84
C GLN B 8 -2.00 -31.51 -2.36
N LEU B 9 -3.18 -31.34 -2.95
CA LEU B 9 -3.29 -31.24 -4.39
C LEU B 9 -2.75 -29.90 -4.87
N VAL B 10 -3.14 -28.82 -4.20
CA VAL B 10 -2.68 -27.49 -4.56
C VAL B 10 -1.15 -27.48 -4.63
N LEU B 11 -0.52 -28.09 -3.64
CA LEU B 11 0.94 -28.16 -3.58
C LEU B 11 1.46 -29.18 -4.58
N HIS B 12 0.63 -30.15 -4.93
CA HIS B 12 1.03 -31.17 -5.89
C HIS B 12 1.16 -30.50 -7.25
N VAL B 13 0.16 -29.71 -7.62
CA VAL B 13 0.17 -29.01 -8.89
C VAL B 13 1.24 -27.93 -8.90
N TRP B 14 1.52 -27.37 -7.73
CA TRP B 14 2.53 -26.34 -7.64
C TRP B 14 3.92 -26.93 -7.66
N ALA B 15 4.02 -28.23 -7.40
CA ALA B 15 5.30 -28.93 -7.41
C ALA B 15 5.81 -28.98 -8.85
N LYS B 16 4.89 -29.18 -9.78
CA LYS B 16 5.22 -29.24 -11.20
C LYS B 16 5.55 -27.85 -11.74
N VAL B 17 5.14 -26.82 -11.00
CA VAL B 17 5.42 -25.45 -11.39
C VAL B 17 6.88 -25.16 -11.11
N GLU B 18 7.37 -25.70 -9.99
CA GLU B 18 8.75 -25.50 -9.57
C GLU B 18 9.69 -26.49 -10.27
N ALA B 19 9.17 -27.16 -11.29
CA ALA B 19 9.96 -28.10 -12.07
C ALA B 19 10.52 -27.24 -13.18
N ASP B 20 9.73 -26.25 -13.56
CA ASP B 20 10.09 -25.29 -14.60
C ASP B 20 9.47 -23.95 -14.19
N VAL B 21 10.07 -23.31 -13.19
CA VAL B 21 9.58 -22.03 -12.69
C VAL B 21 9.66 -20.96 -13.77
N ALA B 22 10.86 -20.75 -14.31
CA ALA B 22 11.05 -19.75 -15.35
C ALA B 22 9.97 -19.85 -16.42
N GLY B 23 9.86 -21.03 -17.03
CA GLY B 23 8.86 -21.24 -18.06
C GLY B 23 7.46 -20.87 -17.62
N HIS B 24 7.09 -21.30 -16.41
CA HIS B 24 5.77 -20.99 -15.86
C HIS B 24 5.64 -19.52 -15.53
N GLY B 25 6.72 -18.93 -15.02
CA GLY B 25 6.69 -17.52 -14.68
C GLY B 25 6.42 -16.66 -15.89
N GLN B 26 7.15 -16.92 -16.96
CA GLN B 26 6.99 -16.18 -18.21
C GLN B 26 5.55 -16.23 -18.68
N ASP B 27 5.05 -17.44 -18.90
CA ASP B 27 3.69 -17.65 -19.36
C ASP B 27 2.66 -16.86 -18.56
N ILE B 28 2.76 -16.94 -17.23
CA ILE B 28 1.84 -16.23 -16.36
C ILE B 28 1.88 -14.72 -16.57
N LEU B 29 3.07 -14.14 -16.50
CA LEU B 29 3.22 -12.71 -16.70
C LEU B 29 2.78 -12.27 -18.09
N ILE B 30 3.16 -13.05 -19.10
CA ILE B 30 2.78 -12.74 -20.48
C ILE B 30 1.27 -12.68 -20.61
N ARG B 31 0.59 -13.62 -19.95
CA ARG B 31 -0.87 -13.68 -19.98
C ARG B 31 -1.44 -12.44 -19.29
N LEU B 32 -0.84 -12.08 -18.16
CA LEU B 32 -1.27 -10.93 -17.39
C LEU B 32 -1.23 -9.65 -18.19
N PHE B 33 -0.09 -9.39 -18.82
CA PHE B 33 0.11 -8.19 -19.62
C PHE B 33 -0.77 -8.17 -20.86
N LYS B 34 -0.97 -9.35 -21.46
CA LYS B 34 -1.80 -9.48 -22.66
C LYS B 34 -3.27 -9.28 -22.31
N SER B 35 -3.68 -9.87 -21.20
CA SER B 35 -5.06 -9.77 -20.76
C SER B 35 -5.31 -8.47 -20.00
N HIS B 36 -4.23 -7.83 -19.56
CA HIS B 36 -4.34 -6.59 -18.80
C HIS B 36 -3.09 -5.72 -19.03
N PRO B 37 -3.02 -5.04 -20.19
CA PRO B 37 -1.89 -4.18 -20.55
C PRO B 37 -1.57 -3.17 -19.45
N GLU B 38 -2.61 -2.73 -18.74
CA GLU B 38 -2.44 -1.76 -17.67
C GLU B 38 -1.50 -2.22 -16.56
N THR B 39 -1.06 -3.48 -16.64
CA THR B 39 -0.15 -4.02 -15.64
C THR B 39 1.32 -3.85 -16.01
N LEU B 40 1.59 -3.59 -17.29
CA LEU B 40 2.96 -3.37 -17.72
C LEU B 40 3.33 -1.92 -17.46
N GLU B 41 2.36 -1.18 -16.93
CA GLU B 41 2.56 0.22 -16.60
C GLU B 41 3.35 0.28 -15.30
N LYS B 42 3.40 -0.87 -14.64
CA LYS B 42 4.13 -1.00 -13.39
C LYS B 42 5.57 -1.40 -13.68
N PHE B 43 5.78 -2.18 -14.75
CA PHE B 43 7.11 -2.62 -15.16
C PHE B 43 7.60 -1.70 -16.25
N ASP B 44 8.85 -1.30 -16.11
CA ASP B 44 9.47 -0.33 -17.00
C ASP B 44 10.50 -0.90 -17.95
N ARG B 45 11.18 -1.94 -17.55
CA ARG B 45 12.18 -2.50 -18.43
C ARG B 45 11.44 -3.29 -19.48
N PHE B 46 10.12 -3.36 -19.33
CA PHE B 46 9.32 -3.99 -20.34
C PHE B 46 8.26 -3.03 -20.81
N LYS B 47 7.65 -3.50 -21.87
CA LYS B 47 6.57 -2.94 -22.64
C LYS B 47 7.10 -2.50 -23.97
N HIS B 48 8.37 -2.13 -24.03
CA HIS B 48 8.85 -1.90 -25.34
C HIS B 48 9.21 -3.31 -25.77
N LEU B 49 8.50 -4.24 -25.13
CA LEU B 49 8.62 -5.68 -25.34
C LEU B 49 7.36 -6.00 -26.14
N LYS B 50 7.56 -6.30 -27.41
CA LYS B 50 6.49 -6.56 -28.37
C LYS B 50 5.85 -7.95 -28.45
N THR B 51 6.51 -8.84 -29.19
CA THR B 51 6.03 -10.21 -29.40
C THR B 51 6.18 -11.13 -28.20
N GLU B 52 5.61 -12.33 -28.34
CA GLU B 52 5.70 -13.34 -27.30
C GLU B 52 7.14 -13.82 -27.37
N ALA B 53 7.75 -13.67 -28.53
CA ALA B 53 9.14 -14.07 -28.74
C ALA B 53 10.01 -13.15 -27.90
N GLU B 54 9.72 -11.86 -27.97
CA GLU B 54 10.47 -10.86 -27.22
C GLU B 54 10.25 -10.98 -25.71
N MET B 55 9.02 -11.26 -25.31
CA MET B 55 8.72 -11.40 -23.89
C MET B 55 9.30 -12.69 -23.32
N LYS B 56 9.32 -13.75 -24.13
CA LYS B 56 9.87 -15.02 -23.70
C LYS B 56 11.39 -14.98 -23.67
N ALA B 57 11.92 -14.02 -24.39
CA ALA B 57 13.35 -13.88 -24.48
C ALA B 57 13.92 -13.05 -23.34
N SER B 58 13.16 -12.07 -22.88
CA SER B 58 13.59 -11.19 -21.79
C SER B 58 14.11 -11.95 -20.57
N GLU B 59 15.40 -11.82 -20.32
CA GLU B 59 16.02 -12.46 -19.17
C GLU B 59 15.47 -11.72 -17.97
N ASP B 60 15.18 -10.44 -18.20
CA ASP B 60 14.64 -9.54 -17.19
C ASP B 60 13.24 -10.00 -16.78
N LEU B 61 12.39 -10.23 -17.76
CA LEU B 61 11.02 -10.68 -17.52
C LEU B 61 11.04 -12.06 -16.89
N LYS B 62 12.00 -12.87 -17.29
CA LYS B 62 12.15 -14.21 -16.77
C LYS B 62 12.40 -14.14 -15.27
N LYS B 63 13.23 -13.18 -14.88
CA LYS B 63 13.56 -12.99 -13.48
C LYS B 63 12.33 -12.65 -12.65
N HIS B 64 11.45 -11.79 -13.18
CA HIS B 64 10.24 -11.42 -12.47
C HIS B 64 9.27 -12.58 -12.35
N GLY B 65 9.32 -13.50 -13.32
CA GLY B 65 8.46 -14.65 -13.27
C GLY B 65 8.88 -15.57 -12.14
N VAL B 66 10.19 -15.74 -11.98
CA VAL B 66 10.71 -16.58 -10.92
C VAL B 66 10.40 -15.98 -9.55
N THR B 67 10.39 -14.66 -9.48
CA THR B 67 10.11 -13.96 -8.23
C THR B 67 8.66 -14.16 -7.79
N VAL B 68 7.71 -14.04 -8.72
CA VAL B 68 6.30 -14.21 -8.39
C VAL B 68 6.00 -15.63 -7.91
N LEU B 69 6.33 -16.62 -8.74
CA LEU B 69 6.10 -18.00 -8.38
C LEU B 69 6.80 -18.36 -7.06
N THR B 70 8.00 -17.83 -6.89
CA THR B 70 8.78 -18.08 -5.68
C THR B 70 8.06 -17.67 -4.41
N ALA B 71 7.68 -16.40 -4.34
CA ALA B 71 6.97 -15.88 -3.18
C ALA B 71 5.63 -16.59 -2.97
N LEU B 72 4.88 -16.75 -4.05
CA LEU B 72 3.58 -17.41 -3.98
C LEU B 72 3.73 -18.86 -3.54
N GLY B 73 4.71 -19.55 -4.11
CA GLY B 73 4.93 -20.94 -3.74
C GLY B 73 5.16 -21.01 -2.24
N ALA B 74 5.84 -20.00 -1.71
CA ALA B 74 6.13 -19.91 -0.29
C ALA B 74 4.85 -19.75 0.51
N ILE B 75 3.98 -18.85 0.05
CA ILE B 75 2.72 -18.60 0.74
C ILE B 75 1.81 -19.84 0.72
N LEU B 76 1.68 -20.46 -0.45
CA LEU B 76 0.85 -21.64 -0.59
C LEU B 76 1.31 -22.76 0.34
N LYS B 77 2.63 -22.97 0.40
CA LYS B 77 3.19 -24.02 1.25
C LYS B 77 2.89 -23.77 2.72
N LYS B 78 2.54 -22.54 3.06
CA LYS B 78 2.23 -22.20 4.45
C LYS B 78 0.85 -22.75 4.81
N LYS B 79 0.04 -22.99 3.80
CA LYS B 79 -1.30 -23.53 3.99
C LYS B 79 -2.21 -22.68 4.86
N GLY B 80 -2.36 -21.41 4.50
CA GLY B 80 -3.22 -20.53 5.26
C GLY B 80 -2.50 -19.78 6.37
N HIS B 81 -1.47 -20.41 6.95
CA HIS B 81 -0.72 -19.77 8.03
C HIS B 81 0.36 -18.89 7.43
N HIS B 82 -0.10 -17.94 6.62
CA HIS B 82 0.77 -17.01 5.91
C HIS B 82 0.70 -15.58 6.44
N GLU B 83 -0.07 -15.37 7.50
CA GLU B 83 -0.24 -14.06 8.11
C GLU B 83 1.03 -13.22 8.05
N ALA B 84 2.07 -13.73 8.70
CA ALA B 84 3.36 -13.07 8.79
C ALA B 84 4.01 -12.72 7.45
N GLU B 85 3.84 -13.59 6.44
CA GLU B 85 4.44 -13.34 5.14
C GLU B 85 3.72 -12.30 4.29
N LEU B 86 2.43 -12.10 4.54
CA LEU B 86 1.65 -11.13 3.78
C LEU B 86 1.97 -9.69 4.18
N LYS B 87 2.43 -9.48 5.42
CA LYS B 87 2.75 -8.15 5.89
C LYS B 87 3.76 -7.41 5.00
N PRO B 88 5.00 -7.90 4.92
CA PRO B 88 5.98 -7.22 4.07
C PRO B 88 5.55 -7.15 2.61
N LEU B 89 4.99 -8.25 2.11
CA LEU B 89 4.54 -8.32 0.73
C LEU B 89 3.50 -7.24 0.44
N ALA B 90 2.49 -7.17 1.31
CA ALA B 90 1.43 -6.18 1.15
C ALA B 90 1.95 -4.76 1.34
N GLN B 91 2.92 -4.57 2.22
CA GLN B 91 3.46 -3.24 2.45
C GLN B 91 4.17 -2.66 1.24
N SER B 92 4.99 -3.46 0.58
CA SER B 92 5.72 -2.98 -0.59
C SER B 92 4.84 -2.78 -1.83
N HIS B 93 3.89 -3.68 -2.03
CA HIS B 93 3.00 -3.59 -3.19
C HIS B 93 1.93 -2.51 -3.08
N ALA B 94 1.44 -2.29 -1.86
CA ALA B 94 0.40 -1.29 -1.65
C ALA B 94 0.98 0.11 -1.48
N THR B 95 1.98 0.23 -0.60
CA THR B 95 2.60 1.51 -0.30
C THR B 95 3.62 2.05 -1.30
N LYS B 96 4.48 1.18 -1.80
CA LYS B 96 5.52 1.61 -2.74
C LYS B 96 5.12 1.53 -4.21
N HIS B 97 4.61 0.38 -4.63
CA HIS B 97 4.25 0.18 -6.03
C HIS B 97 2.79 0.46 -6.36
N LYS B 98 2.04 0.91 -5.36
CA LYS B 98 0.63 1.25 -5.54
C LYS B 98 -0.11 0.24 -6.43
N ILE B 99 0.01 -1.04 -6.10
CA ILE B 99 -0.64 -2.09 -6.88
C ILE B 99 -2.02 -2.41 -6.32
N PRO B 100 -3.06 -2.30 -7.15
CA PRO B 100 -4.44 -2.58 -6.73
C PRO B 100 -4.70 -4.07 -6.53
N ILE B 101 -5.57 -4.40 -5.59
CA ILE B 101 -5.93 -5.79 -5.30
C ILE B 101 -6.61 -6.36 -6.54
N LYS B 102 -6.89 -5.46 -7.48
CA LYS B 102 -7.55 -5.78 -8.74
C LYS B 102 -6.63 -6.58 -9.65
N TYR B 103 -5.33 -6.38 -9.48
CA TYR B 103 -4.33 -7.10 -10.28
C TYR B 103 -4.10 -8.46 -9.66
N LEU B 104 -4.27 -8.54 -8.35
CA LEU B 104 -4.11 -9.79 -7.61
C LEU B 104 -5.13 -10.78 -8.16
N GLU B 105 -6.25 -10.23 -8.61
CA GLU B 105 -7.32 -11.04 -9.19
C GLU B 105 -6.93 -11.35 -10.63
N PHE B 106 -6.41 -10.34 -11.32
CA PHE B 106 -5.99 -10.49 -12.71
C PHE B 106 -4.94 -11.58 -12.86
N ILE B 107 -3.95 -11.59 -11.97
N ILE B 107 -3.95 -11.59 -11.97
CA ILE B 107 -2.88 -12.59 -12.04
CA ILE B 107 -2.90 -12.59 -12.05
C ILE B 107 -3.37 -13.98 -11.63
C ILE B 107 -3.37 -13.98 -11.64
N SER B 108 -4.38 -14.02 -10.76
CA SER B 108 -4.91 -15.30 -10.31
C SER B 108 -5.56 -16.00 -11.51
N GLU B 109 -6.30 -15.24 -12.30
CA GLU B 109 -6.96 -15.80 -13.47
C GLU B 109 -5.88 -16.20 -14.46
N ALA B 110 -4.81 -15.43 -14.50
CA ALA B 110 -3.69 -15.70 -15.39
C ALA B 110 -3.03 -17.02 -15.01
N ILE B 111 -2.91 -17.27 -13.71
CA ILE B 111 -2.29 -18.50 -13.21
C ILE B 111 -3.16 -19.72 -13.49
N ILE B 112 -4.46 -19.62 -13.24
CA ILE B 112 -5.37 -20.74 -13.49
C ILE B 112 -5.46 -20.97 -14.99
N HIS B 113 -5.36 -19.88 -15.75
CA HIS B 113 -5.42 -19.94 -17.20
C HIS B 113 -4.16 -20.65 -17.73
N VAL B 114 -3.04 -20.39 -17.09
CA VAL B 114 -1.77 -20.99 -17.47
C VAL B 114 -1.65 -22.46 -17.07
N LEU B 115 -2.06 -22.78 -15.85
CA LEU B 115 -1.99 -24.15 -15.37
C LEU B 115 -2.97 -25.05 -16.12
N HIS B 116 -4.09 -24.46 -16.55
CA HIS B 116 -5.12 -25.20 -17.26
C HIS B 116 -4.72 -25.53 -18.70
N SER B 117 -4.01 -24.60 -19.36
CA SER B 117 -3.58 -24.82 -20.73
C SER B 117 -2.22 -25.52 -20.79
N ARG B 118 -1.44 -25.36 -19.73
CA ARG B 118 -0.11 -25.95 -19.67
C ARG B 118 -0.15 -27.31 -18.95
N HIS B 119 -1.26 -27.58 -18.26
CA HIS B 119 -1.39 -28.84 -17.54
C HIS B 119 -2.81 -29.41 -17.52
N PRO B 120 -3.28 -29.92 -18.67
CA PRO B 120 -4.63 -30.49 -18.73
C PRO B 120 -4.75 -31.76 -17.89
N GLY B 121 -3.79 -32.66 -18.07
CA GLY B 121 -3.79 -33.92 -17.35
C GLY B 121 -3.80 -33.88 -15.84
N ASP B 122 -3.14 -32.91 -15.23
CA ASP B 122 -3.09 -32.82 -13.77
C ASP B 122 -3.65 -31.53 -13.15
N PHE B 123 -4.46 -30.84 -13.95
CA PHE B 123 -5.18 -29.64 -13.52
C PHE B 123 -6.63 -29.96 -13.87
N GLY B 124 -7.53 -29.00 -13.71
CA GLY B 124 -8.91 -29.32 -14.00
C GLY B 124 -9.67 -29.33 -12.70
N ALA B 125 -10.87 -29.88 -12.72
CA ALA B 125 -11.73 -29.92 -11.54
C ALA B 125 -11.01 -30.25 -10.23
N ASP B 126 -10.42 -31.44 -10.15
CA ASP B 126 -9.73 -31.89 -8.94
C ASP B 126 -8.65 -30.94 -8.41
N ALA B 127 -8.30 -29.93 -9.19
CA ALA B 127 -7.28 -28.97 -8.78
C ALA B 127 -7.73 -27.54 -9.05
N GLN B 128 -8.57 -27.37 -10.07
CA GLN B 128 -9.09 -26.06 -10.44
C GLN B 128 -9.75 -25.41 -9.24
N GLY B 129 -10.74 -26.10 -8.68
CA GLY B 129 -11.46 -25.58 -7.53
C GLY B 129 -10.58 -25.43 -6.31
N ALA B 130 -9.64 -26.34 -6.14
CA ALA B 130 -8.72 -26.30 -5.00
C ALA B 130 -7.79 -25.11 -5.12
N MET B 131 -7.11 -24.99 -6.27
CA MET B 131 -6.20 -23.89 -6.50
C MET B 131 -6.99 -22.59 -6.54
N ASN B 132 -8.27 -22.71 -6.89
CA ASN B 132 -9.16 -21.56 -6.95
C ASN B 132 -9.44 -21.13 -5.51
N LYS B 133 -9.33 -22.09 -4.60
CA LYS B 133 -9.56 -21.86 -3.18
C LYS B 133 -8.40 -21.12 -2.51
N ALA B 134 -7.20 -21.69 -2.63
CA ALA B 134 -6.01 -21.10 -2.02
C ALA B 134 -5.73 -19.67 -2.50
N LEU B 135 -5.89 -19.43 -3.80
CA LEU B 135 -5.63 -18.10 -4.34
C LEU B 135 -6.68 -17.11 -3.84
N GLU B 136 -7.91 -17.59 -3.71
CA GLU B 136 -9.00 -16.74 -3.23
C GLU B 136 -8.69 -16.31 -1.80
N LEU B 137 -8.20 -17.25 -1.01
CA LEU B 137 -7.84 -16.97 0.38
C LEU B 137 -6.67 -15.99 0.39
N PHE B 138 -5.76 -16.17 -0.56
CA PHE B 138 -4.59 -15.31 -0.68
C PHE B 138 -5.01 -13.86 -0.87
N ARG B 139 -5.82 -13.61 -1.90
CA ARG B 139 -6.28 -12.26 -2.19
C ARG B 139 -7.07 -11.68 -1.03
N LYS B 140 -7.88 -12.51 -0.39
CA LYS B 140 -8.69 -12.08 0.74
C LYS B 140 -7.84 -11.54 1.89
N ASP B 141 -6.90 -12.36 2.36
CA ASP B 141 -6.04 -11.95 3.46
C ASP B 141 -5.10 -10.81 3.09
N ILE B 142 -4.73 -10.72 1.82
CA ILE B 142 -3.86 -9.64 1.35
C ILE B 142 -4.61 -8.32 1.46
N ALA B 143 -5.85 -8.32 0.99
CA ALA B 143 -6.67 -7.11 1.03
C ALA B 143 -6.80 -6.63 2.47
N ALA B 144 -6.97 -7.57 3.39
CA ALA B 144 -7.11 -7.25 4.82
C ALA B 144 -5.88 -6.49 5.31
N LYS B 145 -4.70 -7.02 5.01
CA LYS B 145 -3.44 -6.40 5.41
C LYS B 145 -3.33 -5.03 4.75
N TYR B 146 -3.63 -4.98 3.46
CA TYR B 146 -3.60 -3.73 2.71
C TYR B 146 -4.28 -2.65 3.51
N LYS B 147 -5.56 -2.87 3.79
CA LYS B 147 -6.36 -1.95 4.57
C LYS B 147 -5.72 -1.76 5.94
N GLU B 148 -5.14 -2.83 6.45
CA GLU B 148 -4.48 -2.83 7.75
C GLU B 148 -3.30 -1.86 7.80
N LEU B 149 -2.76 -1.55 6.62
CA LEU B 149 -1.61 -0.65 6.54
C LEU B 149 -1.96 0.75 6.04
N GLY B 150 -3.24 1.02 5.83
CA GLY B 150 -3.64 2.35 5.38
C GLY B 150 -4.13 2.46 3.95
N TYR B 151 -4.60 1.36 3.37
CA TYR B 151 -5.10 1.38 2.00
C TYR B 151 -6.50 0.77 1.90
FE HME C . -3.71 22.78 9.20
NC HME C . -4.31 21.30 7.78
NB HME C . -3.30 20.86 10.06
NA HME C . -3.06 24.22 10.72
ND HME C . -4.05 24.67 8.40
C4C HME C . -4.84 21.49 6.55
C3C HME C . -5.11 20.16 5.96
C2C HME C . -4.70 19.20 6.87
C1C HME C . -4.19 19.96 8.02
C4B HME C . -3.60 19.69 9.33
C3B HME C . -3.22 18.56 10.15
C2B HME C . -2.70 19.07 11.33
C1B HME C . -2.76 20.53 11.27
CHB HME C . -2.33 21.40 12.32
CHA HME C . -2.24 22.80 12.60
C4A HME C . -2.54 24.02 11.97
C3A HME C . -2.30 25.35 12.59
C2A HME C . -2.70 26.31 11.69
C1A HME C . -3.18 25.56 10.47
C4D HME C . -3.74 25.83 9.12
C3D HME C . -4.07 26.96 8.26
C2D HME C . -4.58 26.41 7.08
C1D HME C . -4.56 24.96 7.19
CHD HME C . -5.00 24.09 6.16
CHC HME C . -5.12 22.71 5.90
CAC HME C . -5.71 19.89 4.57
CBC HME C . -4.83 19.99 3.39
CMC HME C . -4.78 17.72 6.65
CMB HME C . -3.33 17.09 9.82
CAB HME C . -2.14 18.28 12.53
CBB HME C . -3.08 18.03 13.61
CMA HME C . -1.74 25.59 13.98
CAA HME C . -2.59 27.80 12.03
CBA HME C . -4.22 27.97 12.11
CGA HME C . -4.95 29.18 12.39
O1A HME C . -4.80 29.92 13.43
O2A HME C . -5.72 29.43 11.52
CAD HME C . -3.92 28.40 8.56
CBD HME C . -2.35 28.77 8.42
CGD HME C . -1.71 29.95 9.23
O1D HME C . -0.48 30.16 9.06
O2D HME C . -2.43 30.64 10.03
CMD HME C . -5.07 27.17 5.87
N1 IMD D . -1.48 23.03 8.59
C2 IMD D . -0.30 23.57 8.88
N3 IMD D . 0.50 23.35 7.86
C4 IMD D . -0.16 22.67 6.92
C5 IMD D . -1.44 22.46 7.39
FE HME E . 5.38 -8.11 -7.15
NC HME E . 3.49 -7.97 -8.20
NB HME E . 4.26 -9.84 -6.69
NA HME E . 7.22 -8.22 -5.98
ND HME E . 6.44 -6.34 -7.54
C4C HME E . 3.05 -6.99 -9.03
C3C HME E . 1.71 -7.38 -9.53
C2C HME E . 1.40 -8.61 -8.97
C1C HME E . 2.55 -8.96 -8.13
C4B HME E . 2.99 -10.06 -7.26
C3B HME E . 2.50 -11.34 -6.80
C2B HME E . 3.49 -11.86 -5.95
C1B HME E . 4.59 -10.89 -5.89
CHB HME E . 5.78 -11.08 -5.11
CHA HME E . 7.01 -10.40 -4.80
C4A HME E . 7.66 -9.19 -5.15
C3A HME E . 8.99 -8.79 -4.63
C2A HME E . 9.30 -7.57 -5.18
C1A HME E . 8.14 -7.21 -6.07
C4D HME E . 7.72 -6.13 -6.99
C3D HME E . 8.20 -4.88 -7.52
C2D HME E . 7.21 -4.39 -8.36
C1D HME E . 6.10 -5.34 -8.36
CHD HME E . 4.92 -5.14 -9.12
CHC HME E . 3.70 -5.80 -9.38
CAC HME E . 0.83 -6.57 -10.48
CBC HME E . 1.09 -6.67 -11.92
CMC HME E . 0.14 -9.37 -9.22
CMB HME E . 1.21 -12.02 -7.13
CAB HME E . 3.46 -13.20 -5.20
CBB HME E . 2.91 -13.14 -3.84
CMA HME E . 9.83 -9.60 -3.65
CAA HME E . 10.64 -6.87 -4.84
CBA HME E . 9.87 -5.70 -3.98
CGA HME E . 10.44 -4.57 -3.31
O1A HME E . 11.38 -4.62 -2.43
O2A HME E . 9.92 -3.55 -3.67
CAD HME E . 9.52 -4.23 -7.24
CBD HME E . 10.61 -5.02 -8.14
CGD HME E . 12.13 -5.03 -7.77
O1D HME E . 12.89 -5.69 -8.53
O2D HME E . 12.55 -4.40 -6.73
CMD HME E . 7.24 -3.11 -9.16
N1 IMD F . 6.97 -8.67 -8.93
C2 IMD F . 8.10 -9.34 -9.11
N3 IMD F . 7.98 -10.06 -10.22
C4 IMD F . 6.77 -9.82 -10.74
C5 IMD F . 6.12 -8.93 -9.92
#